data_3N4M
#
_entry.id   3N4M
#
_cell.length_a   175.730
_cell.length_b   175.730
_cell.length_c   160.100
_cell.angle_alpha   90.000
_cell.angle_beta   90.000
_cell.angle_gamma   120.000
#
_symmetry.space_group_name_H-M   'P 62 2 2'
#
loop_
_entity.id
_entity.type
_entity.pdbx_description
1 polymer 'Catabolite gene activator'
2 polymer 'DNA-directed RNA polymerase subunit alpha'
3 polymer "DNA (5'-D(*CP*TP*TP*TP*TP*TP*TP*CP*CP*TP*AP*AP*AP*AP*TP*GP*TP*GP*AP*T)-3')"
4 polymer "DNA (5'-D(*CP*TP*AP*GP*AP*TP*CP*AP*CP*AP*TP*TP*TP*TP*AP*GP*GP*AP*AP*AP*AP*AP*AP*G)-3')"
5 non-polymer "ADENOSINE-3',5'-CYCLIC-MONOPHOSPHATE"
6 non-polymer DI(HYDROXYETHYL)ETHER
7 water water
#
loop_
_entity_poly.entity_id
_entity_poly.type
_entity_poly.pdbx_seq_one_letter_code
_entity_poly.pdbx_strand_id
1 'polypeptide(L)'
;VLGKPQTDPTLEWFLSHCHIHKYPSKSTLIHQGEKAETLYYIVKGSVAVLIKDEEGKEMILSYLNQGDFIGELGLFEEGQ
ERSAWVRAKTACEVAEISYKKFRQLIQVNPDILMRLSAQMARRLQVTSEKVGNLAFLDVTGRIAQTLLNLAKQPDAMTHP
DGMQIKITRQEIGQIVGCSRETVGRILKMLEDQNLISAHGKTIVVYGTR
;
A
2 'polypeptide(L)'
;KPEFDPILLRPVDDLELTVRSANCLKAEAIHYIGDLVQRTEVELLKTPNLGKKSLTEIKDVLASRGLSLGMRLENWPPAS
IADE
;
B,C
3 'polydeoxyribonucleotide' (DC)(DT)(DT)(DT)(DT)(DT)(DT)(DC)(DC)(DT)(DA)(DA)(DA)(DA)(DT)(DG)(DT)(DG)(DA)(DT) D
4 'polydeoxyribonucleotide'
;(DC)(DT)(DA)(DG)(DA)(DT)(DC)(DA)(DC)(DA)(DT)(DT)(DT)(DT)(DA)(DG)(DG)(DA)(DA)(DA)
(DA)(DA)(DA)(DG)
;
E
#
loop_
_chem_comp.id
_chem_comp.type
_chem_comp.name
_chem_comp.formula
CMP non-polymer ADENOSINE-3',5'-CYCLIC-MONOPHOSPHATE 'C10 H12 N5 O6 P'
DA DNA linking 2'-DEOXYADENOSINE-5'-MONOPHOSPHATE 'C10 H14 N5 O6 P'
DC DNA linking 2'-DEOXYCYTIDINE-5'-MONOPHOSPHATE 'C9 H14 N3 O7 P'
DG DNA linking 2'-DEOXYGUANOSINE-5'-MONOPHOSPHATE 'C10 H14 N5 O7 P'
DT DNA linking THYMIDINE-5'-MONOPHOSPHATE 'C10 H15 N2 O8 P'
PEG non-polymer DI(HYDROXYETHYL)ETHER 'C4 H10 O3'
#
# COMPACT_ATOMS: atom_id res chain seq x y z
N THR A 7 15.73 15.10 11.66
CA THR A 7 16.99 15.53 11.04
C THR A 7 18.05 14.44 11.14
N ASP A 8 18.79 14.25 10.05
CA ASP A 8 19.84 13.24 10.00
C ASP A 8 21.12 13.76 9.34
N PRO A 9 22.12 14.12 10.15
CA PRO A 9 23.35 14.78 9.71
C PRO A 9 24.16 13.97 8.70
N THR A 10 24.35 12.69 8.97
CA THR A 10 25.22 11.87 8.12
C THR A 10 24.63 11.66 6.73
N LEU A 11 23.38 11.22 6.65
CA LEU A 11 22.74 11.01 5.36
C LEU A 11 22.68 12.28 4.54
N GLU A 12 22.36 13.39 5.19
CA GLU A 12 22.33 14.67 4.51
C GLU A 12 23.69 15.01 3.89
N TRP A 13 24.75 14.76 4.64
CA TRP A 13 26.10 15.01 4.16
C TRP A 13 26.43 14.08 2.99
N PHE A 14 26.07 12.82 3.13
CA PHE A 14 26.30 11.83 2.08
C PHE A 14 25.63 12.27 0.79
N LEU A 15 24.34 12.58 0.87
CA LEU A 15 23.58 12.98 -0.31
C LEU A 15 24.20 14.20 -1.01
N SER A 16 24.74 15.13 -0.24
CA SER A 16 25.30 16.35 -0.82
C SER A 16 26.54 16.07 -1.68
N HIS A 17 26.99 14.82 -1.73
CA HIS A 17 28.13 14.46 -2.56
C HIS A 17 27.69 13.52 -3.67
N CYS A 18 26.39 13.40 -3.85
CA CYS A 18 25.84 12.49 -4.85
C CYS A 18 25.22 13.23 -6.04
N HIS A 19 25.17 12.55 -7.18
CA HIS A 19 24.40 13.00 -8.32
C HIS A 19 23.00 12.37 -8.27
N ILE A 20 21.96 13.19 -8.24
CA ILE A 20 20.59 12.69 -8.19
C ILE A 20 20.02 12.48 -9.59
N HIS A 21 19.36 11.34 -9.81
CA HIS A 21 18.88 10.98 -11.14
C HIS A 21 17.52 10.31 -11.05
N LYS A 22 16.59 10.71 -11.91
CA LYS A 22 15.26 10.10 -11.91
C LYS A 22 15.16 8.90 -12.85
N TYR A 23 14.65 7.79 -12.34
CA TYR A 23 14.40 6.60 -13.16
C TYR A 23 12.89 6.40 -13.29
N PRO A 24 12.40 6.32 -14.54
CA PRO A 24 10.99 6.11 -14.80
C PRO A 24 10.57 4.71 -14.33
N SER A 25 9.32 4.56 -13.93
CA SER A 25 8.81 3.23 -13.61
C SER A 25 9.19 2.20 -14.67
N LYS A 26 9.53 1.00 -14.23
CA LYS A 26 9.79 -0.14 -15.10
C LYS A 26 11.14 -0.08 -15.83
N SER A 27 11.92 0.96 -15.59
CA SER A 27 13.24 1.04 -16.20
C SER A 27 14.29 0.27 -15.39
N THR A 28 15.37 -0.13 -16.06
CA THR A 28 16.44 -0.87 -15.41
C THR A 28 17.57 0.02 -14.90
N LEU A 29 17.81 -0.01 -13.59
CA LEU A 29 18.91 0.75 -12.98
C LEU A 29 20.24 0.00 -13.12
N ILE A 30 20.18 -1.32 -12.99
CA ILE A 30 21.38 -2.15 -13.00
C ILE A 30 21.18 -3.39 -13.86
N HIS A 31 22.13 -3.66 -14.76
CA HIS A 31 22.07 -4.88 -15.56
C HIS A 31 23.09 -5.89 -15.05
N GLN A 32 22.63 -7.07 -14.67
CA GLN A 32 23.55 -8.13 -14.25
C GLN A 32 24.65 -8.30 -15.29
N GLY A 33 25.89 -8.41 -14.83
CA GLY A 33 27.01 -8.67 -15.72
C GLY A 33 27.84 -7.42 -15.99
N GLU A 34 27.18 -6.26 -15.99
CA GLU A 34 27.87 -5.01 -16.24
C GLU A 34 28.96 -4.75 -15.21
N LYS A 35 29.89 -3.87 -15.54
CA LYS A 35 30.93 -3.49 -14.60
C LYS A 35 30.30 -2.70 -13.45
N ALA A 36 30.89 -2.85 -12.28
CA ALA A 36 30.40 -2.18 -11.07
C ALA A 36 31.39 -1.09 -10.66
N GLU A 37 30.95 0.16 -10.75
CA GLU A 37 31.81 1.29 -10.40
C GLU A 37 31.04 2.38 -9.68
N THR A 38 29.74 2.18 -9.52
CA THR A 38 28.88 3.22 -8.95
C THR A 38 27.99 2.66 -7.86
N LEU A 39 27.75 3.45 -6.83
CA LEU A 39 26.87 3.07 -5.72
C LEU A 39 25.60 3.92 -5.77
N TYR A 40 24.46 3.29 -5.55
CA TYR A 40 23.19 3.99 -5.60
C TYR A 40 22.50 4.04 -4.24
N TYR A 41 21.65 5.04 -4.04
CA TYR A 41 20.87 5.17 -2.83
C TYR A 41 19.48 5.68 -3.17
N ILE A 42 18.45 4.94 -2.77
CA ILE A 42 17.08 5.28 -3.15
C ILE A 42 16.50 6.40 -2.29
N VAL A 43 16.43 7.60 -2.86
CA VAL A 43 15.86 8.75 -2.17
C VAL A 43 14.35 8.67 -2.14
N LYS A 44 13.77 8.25 -3.26
CA LYS A 44 12.33 8.04 -3.34
C LYS A 44 12.00 6.95 -4.34
N GLY A 45 10.98 6.15 -4.05
CA GLY A 45 10.56 5.10 -4.95
C GLY A 45 10.78 3.71 -4.36
N SER A 46 10.69 2.70 -5.21
CA SER A 46 10.94 1.34 -4.80
C SER A 46 11.37 0.52 -6.00
N VAL A 47 12.29 -0.41 -5.79
CA VAL A 47 12.82 -1.20 -6.89
C VAL A 47 12.68 -2.68 -6.60
N ALA A 48 12.86 -3.49 -7.64
CA ALA A 48 12.86 -4.94 -7.48
C ALA A 48 14.21 -5.52 -7.88
N VAL A 49 14.84 -6.25 -6.97
CA VAL A 49 16.11 -6.90 -7.25
C VAL A 49 15.82 -8.30 -7.80
N LEU A 50 16.15 -8.55 -9.07
CA LEU A 50 15.88 -9.86 -9.64
C LEU A 50 17.04 -10.55 -10.38
N ILE A 51 16.94 -11.87 -10.47
CA ILE A 51 17.92 -12.73 -11.12
C ILE A 51 17.18 -13.63 -12.12
N LYS A 52 17.91 -14.23 -13.06
CA LYS A 52 17.28 -14.99 -14.14
C LYS A 52 18.03 -16.28 -14.44
N ASP A 53 17.31 -17.32 -14.85
CA ASP A 53 17.97 -18.53 -15.35
C ASP A 53 18.24 -18.42 -16.84
N GLU A 54 18.95 -19.40 -17.40
CA GLU A 54 19.33 -19.38 -18.81
C GLU A 54 18.14 -19.17 -19.75
N GLU A 55 17.05 -19.89 -19.48
CA GLU A 55 15.85 -19.82 -20.29
C GLU A 55 15.22 -18.42 -20.26
N GLY A 56 15.57 -17.64 -19.25
CA GLY A 56 15.06 -16.28 -19.13
C GLY A 56 14.03 -16.09 -18.03
N LYS A 57 13.69 -17.16 -17.34
CA LYS A 57 12.73 -17.11 -16.24
C LYS A 57 13.22 -16.16 -15.13
N GLU A 58 12.29 -15.40 -14.55
CA GLU A 58 12.65 -14.44 -13.52
C GLU A 58 12.37 -14.92 -12.09
N MET A 59 13.06 -14.30 -11.14
CA MET A 59 12.91 -14.64 -9.74
C MET A 59 13.24 -13.39 -8.96
N ILE A 60 12.29 -12.92 -8.16
CA ILE A 60 12.46 -11.67 -7.42
C ILE A 60 13.23 -11.90 -6.11
N LEU A 61 14.50 -11.50 -6.09
CA LEU A 61 15.31 -11.66 -4.89
C LEU A 61 14.80 -10.83 -3.73
N SER A 62 14.36 -9.62 -4.03
CA SER A 62 14.01 -8.68 -2.98
C SER A 62 13.44 -7.37 -3.52
N TYR A 63 12.62 -6.72 -2.70
CA TYR A 63 12.20 -5.35 -2.94
C TYR A 63 13.05 -4.45 -2.07
N LEU A 64 13.51 -3.34 -2.64
CA LEU A 64 14.17 -2.31 -1.84
C LEU A 64 13.37 -1.02 -1.94
N ASN A 65 13.44 -0.22 -0.89
CA ASN A 65 12.60 0.98 -0.80
C ASN A 65 13.43 2.21 -0.48
N GLN A 66 12.74 3.32 -0.28
CA GLN A 66 13.41 4.56 0.11
C GLN A 66 14.31 4.29 1.30
N GLY A 67 15.53 4.78 1.25
CA GLY A 67 16.47 4.58 2.34
C GLY A 67 17.51 3.51 2.04
N ASP A 68 17.17 2.56 1.19
CA ASP A 68 18.07 1.43 0.90
C ASP A 68 19.17 1.81 -0.09
N PHE A 69 20.37 1.29 0.13
CA PHE A 69 21.47 1.38 -0.84
C PHE A 69 21.28 0.33 -1.94
N ILE A 70 21.74 0.63 -3.15
CA ILE A 70 21.82 -0.41 -4.17
C ILE A 70 23.18 -0.43 -4.84
N GLY A 71 23.54 -1.59 -5.38
CA GLY A 71 24.80 -1.76 -6.07
C GLY A 71 25.98 -1.52 -5.16
N GLU A 72 25.93 -2.11 -3.97
CA GLU A 72 26.97 -1.92 -2.98
C GLU A 72 27.97 -3.06 -3.04
N LEU A 73 27.55 -4.17 -3.63
CA LEU A 73 28.30 -5.42 -3.58
C LEU A 73 29.59 -5.41 -4.39
N GLY A 74 29.68 -4.53 -5.38
CA GLY A 74 30.86 -4.45 -6.21
C GLY A 74 31.93 -3.55 -5.61
N LEU A 75 31.60 -2.94 -4.49
CA LEU A 75 32.44 -1.90 -3.89
C LEU A 75 33.64 -2.41 -3.09
N PHE A 76 33.73 -3.71 -2.85
CA PHE A 76 34.82 -4.18 -1.97
C PHE A 76 35.97 -4.86 -2.69
N GLU A 77 35.70 -5.46 -3.85
CA GLU A 77 36.75 -6.02 -4.68
C GLU A 77 36.77 -5.31 -6.03
N GLU A 78 37.96 -5.18 -6.61
CA GLU A 78 38.10 -4.45 -7.88
C GLU A 78 37.66 -5.28 -9.09
N GLY A 79 36.95 -4.63 -10.00
CA GLY A 79 36.55 -5.25 -11.24
C GLY A 79 35.50 -6.33 -11.08
N GLN A 80 34.55 -6.09 -10.19
CA GLN A 80 33.46 -7.03 -10.01
C GLN A 80 32.32 -6.66 -10.92
N GLU A 81 31.42 -7.61 -11.13
CA GLU A 81 30.29 -7.41 -12.02
C GLU A 81 28.99 -7.39 -11.25
N ARG A 82 28.09 -6.49 -11.64
CA ARG A 82 26.75 -6.46 -11.08
C ARG A 82 26.17 -7.87 -10.93
N SER A 83 25.72 -8.21 -9.73
CA SER A 83 25.27 -9.57 -9.43
C SER A 83 23.79 -9.82 -9.73
N ALA A 84 23.05 -8.77 -10.09
CA ALA A 84 21.63 -8.93 -10.37
C ALA A 84 21.03 -7.74 -11.10
N TRP A 85 19.93 -7.96 -11.80
CA TRP A 85 19.16 -6.88 -12.39
C TRP A 85 18.47 -6.11 -11.28
N VAL A 86 18.44 -4.79 -11.39
CA VAL A 86 17.64 -3.97 -10.49
C VAL A 86 16.72 -3.08 -11.31
N ARG A 87 15.41 -3.21 -11.08
CA ARG A 87 14.41 -2.58 -11.91
C ARG A 87 13.44 -1.73 -11.08
N ALA A 88 13.14 -0.55 -11.58
CA ALA A 88 12.27 0.39 -10.87
C ALA A 88 10.85 -0.14 -10.83
N LYS A 89 10.35 -0.43 -9.63
CA LYS A 89 8.99 -0.93 -9.44
C LYS A 89 8.01 0.23 -9.69
N THR A 90 8.15 1.27 -8.88
CA THR A 90 7.48 2.54 -9.16
C THR A 90 8.50 3.44 -9.87
N ALA A 91 8.26 4.74 -9.89
CA ALA A 91 9.26 5.69 -10.38
C ALA A 91 10.23 6.05 -9.24
N CYS A 92 11.52 6.10 -9.55
CA CYS A 92 12.54 6.27 -8.53
C CYS A 92 13.38 7.51 -8.70
N GLU A 93 13.77 8.11 -7.58
CA GLU A 93 14.81 9.13 -7.57
C GLU A 93 15.99 8.58 -6.79
N VAL A 94 17.15 8.55 -7.44
CA VAL A 94 18.29 7.82 -6.92
C VAL A 94 19.54 8.68 -6.79
N ALA A 95 20.12 8.68 -5.59
CA ALA A 95 21.41 9.33 -5.36
C ALA A 95 22.52 8.42 -5.88
N GLU A 96 23.47 9.02 -6.58
CA GLU A 96 24.54 8.24 -7.22
C GLU A 96 25.90 8.78 -6.83
N ILE A 97 26.85 7.87 -6.62
CA ILE A 97 28.21 8.25 -6.27
C ILE A 97 29.17 7.16 -6.72
N SER A 98 30.29 7.54 -7.31
CA SER A 98 31.23 6.53 -7.79
C SER A 98 31.85 5.83 -6.60
N TYR A 99 32.15 4.54 -6.76
CA TYR A 99 32.84 3.81 -5.71
C TYR A 99 34.06 4.61 -5.27
N LYS A 100 34.90 4.97 -6.24
CA LYS A 100 36.13 5.69 -5.95
C LYS A 100 35.88 6.85 -5.00
N LYS A 101 34.89 7.67 -5.32
CA LYS A 101 34.62 8.87 -4.54
C LYS A 101 33.90 8.54 -3.23
N PHE A 102 33.20 7.41 -3.20
CA PHE A 102 32.52 6.99 -1.97
C PHE A 102 33.53 6.53 -0.94
N ARG A 103 34.51 5.75 -1.39
CA ARG A 103 35.59 5.33 -0.52
C ARG A 103 36.23 6.54 0.16
N GLN A 104 36.36 7.64 -0.59
CA GLN A 104 36.96 8.86 -0.03
C GLN A 104 36.10 9.42 1.11
N LEU A 105 34.79 9.30 0.97
CA LEU A 105 33.89 9.72 2.05
C LEU A 105 34.13 8.90 3.30
N ILE A 106 34.19 7.59 3.12
CA ILE A 106 34.42 6.66 4.22
C ILE A 106 35.62 7.10 5.04
N GLN A 107 36.71 7.45 4.37
CA GLN A 107 37.92 7.86 5.08
C GLN A 107 37.78 9.23 5.75
N VAL A 108 36.64 9.87 5.57
CA VAL A 108 36.37 11.15 6.22
C VAL A 108 35.43 10.94 7.40
N ASN A 109 34.56 9.95 7.27
CA ASN A 109 33.60 9.60 8.32
C ASN A 109 33.06 8.20 8.08
N PRO A 110 33.62 7.21 8.79
CA PRO A 110 33.29 5.78 8.66
C PRO A 110 31.84 5.46 9.00
N ASP A 111 31.12 6.44 9.54
CA ASP A 111 29.73 6.22 9.92
C ASP A 111 28.90 5.78 8.72
N ILE A 112 29.15 6.41 7.57
CA ILE A 112 28.40 6.08 6.37
C ILE A 112 28.62 4.60 6.01
N LEU A 113 29.84 4.12 6.18
CA LEU A 113 30.11 2.71 5.93
C LEU A 113 29.33 1.81 6.91
N MET A 114 29.23 2.25 8.16
CA MET A 114 28.41 1.53 9.13
C MET A 114 26.99 1.36 8.60
N ARG A 115 26.39 2.46 8.17
CA ARG A 115 25.02 2.42 7.69
C ARG A 115 24.85 1.49 6.51
N LEU A 116 25.84 1.48 5.61
CA LEU A 116 25.80 0.57 4.49
C LEU A 116 25.89 -0.90 4.95
N SER A 117 26.80 -1.18 5.88
CA SER A 117 27.00 -2.55 6.36
C SER A 117 25.81 -3.05 7.15
N ALA A 118 25.18 -2.15 7.89
CA ALA A 118 23.94 -2.49 8.58
C ALA A 118 22.98 -3.10 7.58
N GLN A 119 22.78 -2.41 6.46
CA GLN A 119 21.82 -2.85 5.47
C GLN A 119 22.25 -4.16 4.83
N MET A 120 23.55 -4.35 4.67
CA MET A 120 24.03 -5.60 4.11
C MET A 120 23.69 -6.76 5.03
N ALA A 121 24.06 -6.60 6.30
CA ALA A 121 23.78 -7.63 7.31
C ALA A 121 22.32 -8.06 7.26
N ARG A 122 21.42 -7.08 7.27
CA ARG A 122 19.98 -7.35 7.18
C ARG A 122 19.65 -8.19 5.95
N ARG A 123 20.15 -7.78 4.79
CA ARG A 123 19.85 -8.48 3.55
C ARG A 123 20.32 -9.92 3.59
N LEU A 124 21.48 -10.14 4.21
CA LEU A 124 22.01 -11.49 4.34
C LEU A 124 21.08 -12.35 5.20
N GLN A 125 20.59 -11.79 6.31
CA GLN A 125 19.62 -12.50 7.16
C GLN A 125 18.33 -12.79 6.40
N VAL A 126 17.83 -11.79 5.70
CA VAL A 126 16.60 -11.95 4.92
C VAL A 126 16.77 -12.98 3.80
N THR A 127 17.87 -12.89 3.08
CA THR A 127 18.09 -13.80 1.96
C THR A 127 18.34 -15.22 2.43
N SER A 128 19.06 -15.35 3.54
CA SER A 128 19.31 -16.66 4.13
C SER A 128 17.99 -17.33 4.46
N GLU A 129 17.05 -16.54 4.97
CA GLU A 129 15.73 -17.07 5.31
C GLU A 129 15.01 -17.56 4.07
N LYS A 130 15.14 -16.80 2.98
CA LYS A 130 14.52 -17.17 1.72
C LYS A 130 15.01 -18.56 1.29
N VAL A 131 16.28 -18.83 1.58
CA VAL A 131 16.86 -20.14 1.30
C VAL A 131 16.15 -21.22 2.10
N GLY A 132 15.99 -20.99 3.39
CA GLY A 132 15.29 -21.93 4.24
C GLY A 132 13.87 -22.17 3.77
N ASN A 133 13.17 -21.09 3.44
CA ASN A 133 11.83 -21.19 2.89
C ASN A 133 11.77 -22.12 1.69
N LEU A 134 12.73 -21.98 0.77
CA LEU A 134 12.74 -22.79 -0.45
C LEU A 134 13.07 -24.26 -0.18
N ALA A 135 13.90 -24.50 0.82
CA ALA A 135 14.33 -25.85 1.17
C ALA A 135 13.34 -26.60 2.04
N PHE A 136 12.53 -25.86 2.79
CA PHE A 136 11.72 -26.44 3.85
C PHE A 136 10.22 -26.41 3.59
N LEU A 137 9.72 -25.33 2.99
CA LEU A 137 8.29 -25.15 2.82
C LEU A 137 7.81 -25.60 1.46
N ASP A 138 6.60 -26.14 1.41
CA ASP A 138 5.91 -26.37 0.14
C ASP A 138 5.47 -25.02 -0.42
N VAL A 139 4.82 -25.03 -1.58
CA VAL A 139 4.40 -23.77 -2.19
C VAL A 139 3.40 -22.99 -1.33
N THR A 140 2.46 -23.69 -0.69
CA THR A 140 1.48 -23.02 0.17
C THR A 140 2.17 -22.32 1.33
N GLY A 141 3.21 -22.96 1.85
CA GLY A 141 3.95 -22.41 2.96
C GLY A 141 4.71 -21.17 2.56
N ARG A 142 5.36 -21.23 1.40
CA ARG A 142 6.14 -20.11 0.93
C ARG A 142 5.23 -18.92 0.57
N ILE A 143 4.07 -19.22 0.00
CA ILE A 143 3.14 -18.17 -0.39
C ILE A 143 2.57 -17.50 0.85
N ALA A 144 2.06 -18.31 1.78
CA ALA A 144 1.56 -17.80 3.04
C ALA A 144 2.60 -16.90 3.69
N GLN A 145 3.84 -17.39 3.75
CA GLN A 145 4.94 -16.61 4.30
C GLN A 145 5.08 -15.28 3.56
N THR A 146 5.06 -15.33 2.23
CA THR A 146 5.24 -14.14 1.40
C THR A 146 4.12 -13.10 1.55
N LEU A 147 2.90 -13.57 1.78
CA LEU A 147 1.79 -12.65 2.02
C LEU A 147 2.00 -11.90 3.33
N LEU A 148 2.61 -12.57 4.30
CA LEU A 148 2.90 -11.94 5.57
C LEU A 148 4.03 -10.94 5.42
N ASN A 149 5.02 -11.26 4.60
CA ASN A 149 6.15 -10.37 4.39
C ASN A 149 5.78 -9.16 3.54
N LEU A 150 4.77 -9.32 2.69
CA LEU A 150 4.31 -8.24 1.84
C LEU A 150 3.41 -7.27 2.60
N ALA A 151 2.80 -7.75 3.68
CA ALA A 151 2.00 -6.88 4.53
C ALA A 151 2.91 -6.06 5.44
N LYS A 152 4.20 -6.35 5.39
CA LYS A 152 5.19 -5.64 6.19
C LYS A 152 5.68 -4.40 5.45
N GLN A 153 5.73 -4.49 4.11
CA GLN A 153 6.21 -3.39 3.27
C GLN A 153 5.52 -2.06 3.57
N PRO A 154 6.16 -0.94 3.19
CA PRO A 154 5.67 0.42 3.44
C PRO A 154 4.35 0.72 2.72
N ASP A 155 4.27 0.36 1.45
CA ASP A 155 3.12 0.69 0.61
C ASP A 155 1.88 -0.15 0.90
N ALA A 156 1.99 -1.06 1.87
CA ALA A 156 0.84 -1.83 2.30
C ALA A 156 -0.13 -0.92 3.03
N MET A 157 -1.41 -1.07 2.75
CA MET A 157 -2.43 -0.23 3.34
C MET A 157 -3.07 -0.92 4.51
N THR A 158 -3.29 -0.18 5.58
CA THR A 158 -4.02 -0.70 6.72
C THR A 158 -5.48 -0.94 6.32
N HIS A 159 -6.06 -2.02 6.83
CA HIS A 159 -7.43 -2.40 6.48
C HIS A 159 -8.04 -3.10 7.70
N PRO A 160 -9.32 -2.83 7.96
CA PRO A 160 -10.04 -3.29 9.16
C PRO A 160 -9.78 -4.76 9.50
N ASP A 161 -10.04 -5.65 8.55
CA ASP A 161 -9.84 -7.07 8.81
C ASP A 161 -8.36 -7.51 8.98
N GLY A 162 -7.44 -6.79 8.33
CA GLY A 162 -5.99 -6.99 8.44
C GLY A 162 -5.29 -6.14 7.38
N MET A 163 -4.01 -6.38 7.07
CA MET A 163 -3.31 -5.54 6.08
C MET A 163 -3.68 -5.80 4.60
N GLN A 164 -3.97 -4.73 3.85
CA GLN A 164 -4.30 -4.82 2.42
C GLN A 164 -3.13 -4.53 1.47
N ILE A 165 -2.93 -5.39 0.47
CA ILE A 165 -1.81 -5.24 -0.46
C ILE A 165 -2.21 -5.36 -1.93
N LYS A 166 -1.39 -4.79 -2.81
CA LYS A 166 -1.63 -4.87 -4.26
C LYS A 166 -0.50 -5.65 -4.94
N ILE A 167 -0.83 -6.84 -5.45
CA ILE A 167 0.15 -7.64 -6.16
C ILE A 167 -0.53 -8.64 -7.08
N THR A 168 0.15 -9.00 -8.16
CA THR A 168 -0.40 -9.97 -9.10
C THR A 168 0.00 -11.40 -8.73
N ARG A 169 -0.80 -12.36 -9.19
CA ARG A 169 -0.50 -13.77 -8.99
C ARG A 169 0.81 -14.15 -9.67
N GLN A 170 1.03 -13.59 -10.86
CA GLN A 170 2.24 -13.84 -11.63
C GLN A 170 3.46 -13.48 -10.82
N GLU A 171 3.40 -12.31 -10.18
CA GLU A 171 4.51 -11.79 -9.42
C GLU A 171 4.81 -12.66 -8.21
N ILE A 172 3.78 -12.95 -7.41
CA ILE A 172 3.92 -13.84 -6.26
C ILE A 172 4.66 -15.10 -6.69
N GLY A 173 4.28 -15.62 -7.85
CA GLY A 173 4.96 -16.76 -8.44
C GLY A 173 6.44 -16.55 -8.61
N GLN A 174 6.85 -15.36 -9.04
CA GLN A 174 8.25 -15.04 -9.23
C GLN A 174 8.97 -14.80 -7.91
N ILE A 175 8.21 -14.61 -6.84
CA ILE A 175 8.79 -14.44 -5.52
C ILE A 175 9.09 -15.80 -4.88
N VAL A 176 8.08 -16.68 -4.87
CA VAL A 176 8.19 -17.97 -4.17
C VAL A 176 8.71 -19.07 -5.08
N GLY A 177 8.91 -18.73 -6.35
CA GLY A 177 9.49 -19.63 -7.31
C GLY A 177 8.59 -20.78 -7.74
N CYS A 178 7.48 -20.45 -8.40
CA CYS A 178 6.57 -21.45 -8.93
C CYS A 178 5.72 -20.82 -10.02
N SER A 179 4.84 -21.61 -10.62
CA SER A 179 4.01 -21.13 -11.72
C SER A 179 2.86 -20.23 -11.26
N ARG A 180 2.38 -19.38 -12.17
CA ARG A 180 1.33 -18.44 -11.83
C ARG A 180 -0.01 -19.14 -11.67
N GLU A 181 -0.19 -20.23 -12.42
CA GLU A 181 -1.42 -21.01 -12.35
C GLU A 181 -1.59 -21.54 -10.94
N THR A 182 -0.47 -21.98 -10.37
CA THR A 182 -0.43 -22.56 -9.04
C THR A 182 -0.72 -21.52 -7.95
N VAL A 183 -0.13 -20.34 -8.09
CA VAL A 183 -0.38 -19.28 -7.12
C VAL A 183 -1.87 -18.92 -7.11
N GLY A 184 -2.51 -19.06 -8.27
CA GLY A 184 -3.93 -18.79 -8.38
C GLY A 184 -4.74 -19.79 -7.59
N ARG A 185 -4.42 -21.07 -7.76
CA ARG A 185 -5.15 -22.15 -7.09
C ARG A 185 -5.05 -21.99 -5.59
N ILE A 186 -3.84 -21.68 -5.12
CA ILE A 186 -3.60 -21.59 -3.70
C ILE A 186 -4.25 -20.36 -3.08
N LEU A 187 -4.26 -19.24 -3.81
CA LEU A 187 -4.93 -18.05 -3.31
C LEU A 187 -6.41 -18.32 -3.15
N LYS A 188 -6.91 -19.26 -3.93
CA LYS A 188 -8.32 -19.62 -3.87
C LYS A 188 -8.58 -20.53 -2.66
N MET A 189 -7.58 -21.33 -2.27
CA MET A 189 -7.71 -22.21 -1.10
C MET A 189 -7.60 -21.43 0.20
N LEU A 190 -6.64 -20.51 0.24
CA LEU A 190 -6.44 -19.69 1.42
C LEU A 190 -7.64 -18.78 1.65
N GLU A 191 -8.60 -18.86 0.75
CA GLU A 191 -9.79 -18.02 0.85
C GLU A 191 -10.93 -18.82 1.47
N ASP A 192 -10.96 -20.12 1.19
CA ASP A 192 -11.92 -21.03 1.82
C ASP A 192 -11.56 -21.15 3.28
N GLN A 193 -10.26 -21.25 3.56
CA GLN A 193 -9.75 -21.34 4.92
C GLN A 193 -9.84 -20.00 5.64
N ASN A 194 -10.60 -19.06 5.07
CA ASN A 194 -10.76 -17.73 5.64
C ASN A 194 -9.47 -17.13 6.23
N LEU A 195 -8.39 -17.22 5.47
CA LEU A 195 -7.11 -16.63 5.86
C LEU A 195 -6.86 -15.30 5.14
N ILE A 196 -7.37 -15.19 3.91
CA ILE A 196 -7.22 -13.96 3.12
C ILE A 196 -8.45 -13.67 2.26
N SER A 197 -8.50 -12.45 1.74
CA SER A 197 -9.55 -12.01 0.84
C SER A 197 -8.92 -11.54 -0.47
N ALA A 198 -9.22 -12.25 -1.56
CA ALA A 198 -8.58 -11.95 -2.83
C ALA A 198 -9.57 -11.61 -3.94
N HIS A 199 -9.54 -10.36 -4.38
CA HIS A 199 -10.35 -9.90 -5.50
C HIS A 199 -9.53 -8.94 -6.37
N GLY A 200 -9.02 -9.46 -7.48
CA GLY A 200 -8.16 -8.69 -8.36
C GLY A 200 -6.73 -8.69 -7.88
N LYS A 201 -6.01 -7.59 -8.08
CA LYS A 201 -4.67 -7.46 -7.55
C LYS A 201 -4.73 -7.16 -6.07
N THR A 202 -5.94 -6.95 -5.57
CA THR A 202 -6.13 -6.53 -4.18
C THR A 202 -6.31 -7.71 -3.23
N ILE A 203 -5.41 -7.80 -2.25
CA ILE A 203 -5.43 -8.91 -1.30
C ILE A 203 -5.34 -8.40 0.13
N VAL A 204 -6.29 -8.81 0.96
CA VAL A 204 -6.28 -8.47 2.38
C VAL A 204 -5.75 -9.65 3.17
N VAL A 205 -4.59 -9.46 3.78
CA VAL A 205 -3.96 -10.52 4.59
C VAL A 205 -4.48 -10.44 6.02
N TYR A 206 -5.46 -11.28 6.32
CA TYR A 206 -6.14 -11.26 7.62
C TYR A 206 -5.19 -11.46 8.80
N GLY A 207 -5.35 -10.64 9.83
CA GLY A 207 -4.69 -10.88 11.09
C GLY A 207 -3.31 -10.26 11.26
N THR A 208 -2.96 -9.35 10.38
CA THR A 208 -1.75 -8.55 10.61
C THR A 208 -2.20 -7.28 11.31
N ARG A 209 -1.32 -6.29 11.41
CA ARG A 209 -1.67 -5.00 12.03
C ARG A 209 -1.79 -5.07 13.56
N PHE B 4 -1.23 4.68 28.22
CA PHE B 4 -1.99 5.62 27.42
C PHE B 4 -1.03 6.57 26.70
N ASP B 5 -1.57 7.64 26.13
CA ASP B 5 -0.74 8.69 25.55
C ASP B 5 -1.45 10.05 25.66
N PRO B 6 -0.66 11.13 25.80
CA PRO B 6 -1.21 12.48 25.99
C PRO B 6 -1.74 13.11 24.71
N ILE B 7 -1.05 12.87 23.60
CA ILE B 7 -1.41 13.52 22.34
C ILE B 7 -2.69 12.97 21.71
N LEU B 8 -3.01 11.71 22.04
CA LEU B 8 -4.16 11.04 21.45
C LEU B 8 -5.49 11.56 21.97
N LEU B 9 -5.46 12.54 22.86
CA LEU B 9 -6.70 13.07 23.43
C LEU B 9 -6.98 14.51 22.97
N ARG B 10 -6.00 15.11 22.31
CA ARG B 10 -6.18 16.43 21.71
C ARG B 10 -7.11 16.34 20.50
N PRO B 11 -7.87 17.42 20.25
CA PRO B 11 -8.76 17.45 19.07
C PRO B 11 -7.97 17.29 17.77
N VAL B 12 -8.64 16.90 16.70
CA VAL B 12 -7.99 16.71 15.41
C VAL B 12 -7.39 18.01 14.86
N ASP B 13 -7.89 19.13 15.35
CA ASP B 13 -7.47 20.45 14.86
C ASP B 13 -6.01 20.75 15.17
N ASP B 14 -5.49 20.17 16.24
CA ASP B 14 -4.10 20.39 16.64
C ASP B 14 -3.11 19.83 15.61
N LEU B 15 -3.65 19.22 14.55
CA LEU B 15 -2.83 18.69 13.47
C LEU B 15 -2.63 19.71 12.36
N GLU B 16 -3.44 20.76 12.38
CA GLU B 16 -3.41 21.77 11.34
C GLU B 16 -3.50 21.16 9.96
N LEU B 17 -4.69 20.64 9.63
CA LEU B 17 -4.94 20.05 8.32
C LEU B 17 -5.46 21.10 7.37
N THR B 18 -5.69 20.71 6.12
CA THR B 18 -6.30 21.59 5.14
C THR B 18 -7.81 21.64 5.36
N VAL B 19 -8.46 22.64 4.78
CA VAL B 19 -9.90 22.77 4.91
C VAL B 19 -10.60 21.52 4.40
N ARG B 20 -10.06 20.96 3.32
CA ARG B 20 -10.65 19.80 2.69
C ARG B 20 -10.67 18.59 3.62
N SER B 21 -9.53 18.33 4.25
CA SER B 21 -9.39 17.21 5.17
C SER B 21 -10.21 17.44 6.45
N ALA B 22 -10.10 18.65 7.00
CA ALA B 22 -10.81 19.01 8.21
C ALA B 22 -12.31 18.78 8.08
N ASN B 23 -12.87 19.14 6.93
CA ASN B 23 -14.32 19.03 6.71
C ASN B 23 -14.80 17.59 6.56
N CYS B 24 -13.91 16.70 6.15
CA CYS B 24 -14.26 15.30 5.97
C CYS B 24 -14.32 14.59 7.31
N LEU B 25 -13.33 14.84 8.16
CA LEU B 25 -13.29 14.24 9.48
C LEU B 25 -14.49 14.66 10.32
N LYS B 26 -14.83 15.95 10.28
CA LYS B 26 -15.93 16.48 11.09
C LYS B 26 -17.31 16.03 10.60
N ALA B 27 -17.37 15.49 9.39
CA ALA B 27 -18.60 14.91 8.88
C ALA B 27 -18.57 13.39 8.97
N GLU B 28 -17.50 12.86 9.54
CA GLU B 28 -17.36 11.43 9.78
C GLU B 28 -17.28 11.15 11.28
N ALA B 29 -17.43 12.21 12.08
CA ALA B 29 -17.46 12.11 13.53
C ALA B 29 -16.10 11.79 14.15
N ILE B 30 -15.03 12.31 13.56
CA ILE B 30 -13.70 12.13 14.11
C ILE B 30 -13.22 13.42 14.78
N HIS B 31 -13.40 13.50 16.09
CA HIS B 31 -13.11 14.73 16.82
C HIS B 31 -11.73 14.73 17.47
N TYR B 32 -11.34 13.58 18.02
CA TYR B 32 -10.07 13.47 18.73
C TYR B 32 -9.04 12.70 17.93
N ILE B 33 -7.78 13.10 18.04
CA ILE B 33 -6.67 12.41 17.38
C ILE B 33 -6.66 10.91 17.69
N GLY B 34 -7.22 10.55 18.84
CA GLY B 34 -7.28 9.16 19.23
C GLY B 34 -8.25 8.36 18.37
N ASP B 35 -9.34 9.00 17.95
CA ASP B 35 -10.29 8.37 17.05
C ASP B 35 -9.66 8.12 15.69
N LEU B 36 -8.82 9.06 15.26
CA LEU B 36 -8.19 8.99 13.96
C LEU B 36 -7.24 7.81 13.85
N VAL B 37 -6.22 7.78 14.71
CA VAL B 37 -5.19 6.75 14.62
C VAL B 37 -5.77 5.34 14.64
N GLN B 38 -7.00 5.20 15.10
CA GLN B 38 -7.65 3.89 15.14
C GLN B 38 -8.27 3.52 13.79
N ARG B 39 -8.70 4.53 13.04
CA ARG B 39 -9.27 4.32 11.72
C ARG B 39 -8.26 3.72 10.76
N THR B 40 -8.72 2.82 9.91
CA THR B 40 -7.85 2.17 8.93
C THR B 40 -7.81 2.93 7.60
N GLU B 41 -6.71 2.77 6.87
CA GLU B 41 -6.50 3.53 5.63
C GLU B 41 -7.56 3.25 4.57
N VAL B 42 -7.85 1.97 4.33
CA VAL B 42 -8.88 1.57 3.38
C VAL B 42 -10.23 2.13 3.75
N GLU B 43 -10.47 2.22 5.05
CA GLU B 43 -11.74 2.70 5.59
C GLU B 43 -11.91 4.18 5.31
N LEU B 44 -10.84 4.95 5.49
CA LEU B 44 -10.88 6.39 5.29
C LEU B 44 -11.09 6.78 3.83
N LEU B 45 -10.47 6.06 2.91
CA LEU B 45 -10.57 6.37 1.49
C LEU B 45 -12.00 6.34 0.97
N LYS B 46 -12.86 5.60 1.64
CA LYS B 46 -14.26 5.49 1.21
C LYS B 46 -15.07 6.74 1.59
N THR B 47 -14.58 7.46 2.59
CA THR B 47 -15.27 8.65 3.09
C THR B 47 -15.30 9.73 2.01
N PRO B 48 -16.49 10.23 1.71
CA PRO B 48 -16.74 11.22 0.65
C PRO B 48 -15.85 12.45 0.74
N ASN B 49 -15.37 12.91 -0.42
CA ASN B 49 -14.56 14.11 -0.52
C ASN B 49 -13.12 13.95 -0.02
N LEU B 50 -12.71 12.70 0.22
CA LEU B 50 -11.35 12.43 0.66
C LEU B 50 -10.63 11.52 -0.35
N GLY B 51 -9.66 12.08 -1.07
CA GLY B 51 -8.96 11.36 -2.11
C GLY B 51 -7.47 11.20 -1.83
N LYS B 52 -6.73 10.70 -2.81
CA LYS B 52 -5.31 10.38 -2.62
C LYS B 52 -4.48 11.48 -1.95
N LYS B 53 -4.72 12.73 -2.33
CA LYS B 53 -3.90 13.82 -1.82
C LYS B 53 -4.19 14.15 -0.36
N SER B 54 -5.46 14.09 0.02
CA SER B 54 -5.85 14.34 1.40
C SER B 54 -5.43 13.19 2.30
N LEU B 55 -5.69 11.96 1.83
CA LEU B 55 -5.29 10.76 2.55
C LEU B 55 -3.78 10.78 2.78
N THR B 56 -3.04 11.25 1.79
CA THR B 56 -1.59 11.33 1.90
C THR B 56 -1.15 12.42 2.86
N GLU B 57 -1.88 13.53 2.89
CA GLU B 57 -1.55 14.62 3.79
C GLU B 57 -1.71 14.18 5.24
N ILE B 58 -2.76 13.40 5.48
CA ILE B 58 -3.04 12.87 6.82
C ILE B 58 -2.00 11.86 7.30
N LYS B 59 -1.63 10.91 6.44
CA LYS B 59 -0.61 9.94 6.79
C LYS B 59 0.74 10.62 7.00
N ASP B 60 0.91 11.80 6.42
CA ASP B 60 2.19 12.50 6.50
C ASP B 60 2.28 13.41 7.72
N VAL B 61 1.13 13.95 8.15
CA VAL B 61 1.09 14.81 9.33
C VAL B 61 1.14 13.97 10.61
N LEU B 62 0.63 12.74 10.52
CA LEU B 62 0.71 11.81 11.64
C LEU B 62 2.12 11.25 11.78
N ALA B 63 2.75 10.95 10.65
CA ALA B 63 4.10 10.40 10.66
C ALA B 63 5.11 11.37 11.26
N SER B 64 4.94 12.67 10.99
CA SER B 64 5.82 13.69 11.53
C SER B 64 5.61 13.84 13.04
N ARG B 65 4.59 13.16 13.56
CA ARG B 65 4.28 13.20 14.99
C ARG B 65 4.22 11.79 15.57
N GLY B 66 5.11 10.93 15.09
CA GLY B 66 5.27 9.58 15.62
C GLY B 66 4.17 8.61 15.25
N LEU B 67 2.95 9.11 15.09
CA LEU B 67 1.78 8.26 14.89
C LEU B 67 1.60 7.77 13.45
N SER B 68 0.55 6.98 13.25
CA SER B 68 0.17 6.49 11.93
C SER B 68 -1.28 6.04 11.98
N LEU B 69 -1.75 5.41 10.91
CA LEU B 69 -3.12 4.92 10.87
C LEU B 69 -3.19 3.45 11.23
N GLY B 70 -4.40 2.95 11.46
CA GLY B 70 -4.60 1.56 11.78
C GLY B 70 -3.94 1.13 13.08
N MET B 71 -3.58 2.11 13.90
CA MET B 71 -3.02 1.83 15.22
C MET B 71 -4.06 1.12 16.08
N ARG B 72 -3.58 0.29 17.00
CA ARG B 72 -4.48 -0.53 17.79
C ARG B 72 -4.44 -0.08 19.26
N LEU B 73 -5.55 0.49 19.71
CA LEU B 73 -5.61 1.09 21.04
C LEU B 73 -6.49 0.31 22.02
N GLU B 74 -6.24 0.53 23.31
CA GLU B 74 -7.00 -0.10 24.38
C GLU B 74 -7.62 0.96 25.27
N ASN B 75 -8.69 0.61 25.98
CA ASN B 75 -9.37 1.56 26.85
C ASN B 75 -9.79 2.81 26.10
N TRP B 76 -10.77 2.68 25.22
CA TRP B 76 -11.26 3.83 24.45
C TRP B 76 -12.78 3.91 24.43
N PRO B 77 -13.32 5.09 24.76
CA PRO B 77 -12.57 6.30 25.15
C PRO B 77 -11.90 6.15 26.51
N ASP C 5 -42.94 -2.54 4.12
CA ASP C 5 -42.01 -1.98 5.09
C ASP C 5 -42.18 -0.46 5.17
N PRO C 6 -41.91 0.12 6.35
CA PRO C 6 -42.11 1.55 6.60
C PRO C 6 -41.01 2.43 6.00
N ILE C 7 -39.77 1.96 6.03
CA ILE C 7 -38.64 2.78 5.57
C ILE C 7 -38.59 2.93 4.05
N LEU C 8 -39.14 1.95 3.34
CA LEU C 8 -39.10 1.93 1.88
C LEU C 8 -39.98 3.00 1.22
N LEU C 9 -40.67 3.79 2.03
CA LEU C 9 -41.56 4.82 1.48
C LEU C 9 -41.04 6.24 1.74
N ARG C 10 -40.01 6.35 2.58
CA ARG C 10 -39.36 7.63 2.82
C ARG C 10 -38.57 8.06 1.59
N PRO C 11 -38.45 9.37 1.36
CA PRO C 11 -37.67 9.89 0.23
C PRO C 11 -36.21 9.45 0.33
N VAL C 12 -35.49 9.49 -0.79
CA VAL C 12 -34.09 9.09 -0.82
C VAL C 12 -33.22 9.97 0.06
N ASP C 13 -33.70 11.17 0.36
CA ASP C 13 -32.93 12.15 1.11
C ASP C 13 -32.66 11.72 2.54
N ASP C 14 -33.55 10.90 3.09
CA ASP C 14 -33.42 10.40 4.46
C ASP C 14 -32.18 9.52 4.62
N LEU C 15 -31.47 9.30 3.53
CA LEU C 15 -30.25 8.48 3.55
C LEU C 15 -29.02 9.35 3.78
N GLU C 16 -29.19 10.66 3.60
CA GLU C 16 -28.08 11.61 3.71
C GLU C 16 -26.90 11.19 2.85
N LEU C 17 -27.08 11.30 1.54
CA LEU C 17 -26.03 10.97 0.58
C LEU C 17 -25.19 12.21 0.28
N THR C 18 -24.17 12.04 -0.54
CA THR C 18 -23.35 13.16 -0.98
C THR C 18 -24.07 13.90 -2.10
N VAL C 19 -23.63 15.13 -2.37
CA VAL C 19 -24.24 15.93 -3.43
C VAL C 19 -24.16 15.19 -4.76
N ARG C 20 -23.04 14.51 -4.98
CA ARG C 20 -22.81 13.79 -6.23
C ARG C 20 -23.84 12.68 -6.44
N SER C 21 -24.06 11.87 -5.41
CA SER C 21 -25.02 10.77 -5.48
C SER C 21 -26.45 11.29 -5.56
N ALA C 22 -26.77 12.27 -4.72
CA ALA C 22 -28.11 12.85 -4.70
C ALA C 22 -28.54 13.37 -6.07
N ASN C 23 -27.63 14.02 -6.77
CA ASN C 23 -27.94 14.62 -8.06
C ASN C 23 -28.16 13.59 -9.18
N CYS C 24 -27.56 12.41 -9.02
CA CYS C 24 -27.70 11.35 -10.01
C CYS C 24 -29.05 10.68 -9.90
N LEU C 25 -29.46 10.40 -8.66
CA LEU C 25 -30.75 9.77 -8.41
C LEU C 25 -31.91 10.65 -8.89
N LYS C 26 -31.82 11.94 -8.58
CA LYS C 26 -32.89 12.89 -8.94
C LYS C 26 -32.98 13.17 -10.43
N ALA C 27 -31.94 12.78 -11.18
CA ALA C 27 -31.97 12.90 -12.63
C ALA C 27 -32.24 11.54 -13.27
N GLU C 28 -32.45 10.53 -12.43
CA GLU C 28 -32.81 9.19 -12.89
C GLU C 28 -34.20 8.83 -12.41
N ALA C 29 -34.86 9.79 -11.75
CA ALA C 29 -36.24 9.63 -11.30
C ALA C 29 -36.39 8.67 -10.11
N ILE C 30 -35.39 8.65 -9.24
CA ILE C 30 -35.47 7.83 -8.02
C ILE C 30 -35.74 8.71 -6.80
N HIS C 31 -37.02 8.79 -6.42
CA HIS C 31 -37.44 9.69 -5.35
C HIS C 31 -37.56 8.98 -4.00
N TYR C 32 -38.09 7.77 -4.01
CA TYR C 32 -38.33 7.03 -2.78
C TYR C 32 -37.32 5.90 -2.60
N ILE C 33 -36.93 5.65 -1.35
CA ILE C 33 -36.01 4.56 -1.02
C ILE C 33 -36.49 3.23 -1.58
N GLY C 34 -37.80 3.11 -1.78
CA GLY C 34 -38.36 1.89 -2.33
C GLY C 34 -37.99 1.69 -3.79
N ASP C 35 -37.90 2.79 -4.53
CA ASP C 35 -37.48 2.75 -5.92
C ASP C 35 -36.03 2.30 -6.02
N LEU C 36 -35.22 2.76 -5.07
CA LEU C 36 -33.80 2.47 -5.06
C LEU C 36 -33.50 1.00 -4.87
N VAL C 37 -33.96 0.43 -3.76
CA VAL C 37 -33.66 -0.96 -3.43
C VAL C 37 -34.05 -1.93 -4.53
N GLN C 38 -34.93 -1.49 -5.42
CA GLN C 38 -35.36 -2.33 -6.54
C GLN C 38 -34.37 -2.29 -7.69
N ARG C 39 -33.69 -1.16 -7.85
CA ARG C 39 -32.69 -0.99 -8.90
C ARG C 39 -31.52 -1.94 -8.70
N THR C 40 -31.00 -2.46 -9.81
CA THR C 40 -29.88 -3.40 -9.77
C THR C 40 -28.53 -2.68 -9.87
N GLU C 41 -27.49 -3.29 -9.33
CA GLU C 41 -26.17 -2.66 -9.25
C GLU C 41 -25.59 -2.33 -10.64
N VAL C 42 -25.63 -3.31 -11.54
CA VAL C 42 -25.14 -3.11 -12.91
C VAL C 42 -25.90 -1.99 -13.61
N GLU C 43 -27.18 -1.89 -13.29
CA GLU C 43 -28.07 -0.90 -13.89
C GLU C 43 -27.67 0.51 -13.46
N LEU C 44 -27.37 0.66 -12.17
CA LEU C 44 -27.01 1.96 -11.60
C LEU C 44 -25.69 2.49 -12.13
N LEU C 45 -24.70 1.62 -12.29
CA LEU C 45 -23.38 2.02 -12.75
C LEU C 45 -23.39 2.70 -14.11
N LYS C 46 -24.42 2.43 -14.92
CA LYS C 46 -24.53 3.01 -16.26
C LYS C 46 -25.00 4.45 -16.19
N THR C 47 -25.69 4.80 -15.10
CA THR C 47 -26.22 6.15 -14.93
C THR C 47 -25.09 7.17 -14.85
N PRO C 48 -25.17 8.20 -15.69
CA PRO C 48 -24.14 9.25 -15.83
C PRO C 48 -23.76 9.91 -14.51
N ASN C 49 -22.46 10.14 -14.34
CA ASN C 49 -21.93 10.82 -13.16
C ASN C 49 -21.91 9.97 -11.90
N LEU C 50 -22.15 8.67 -12.05
CA LEU C 50 -22.12 7.75 -10.91
C LEU C 50 -21.06 6.67 -11.12
N GLY C 51 -19.98 6.73 -10.34
CA GLY C 51 -18.86 5.81 -10.48
C GLY C 51 -18.63 4.95 -9.25
N LYS C 52 -17.51 4.23 -9.23
CA LYS C 52 -17.24 3.27 -8.17
C LYS C 52 -17.42 3.81 -6.75
N LYS C 53 -17.01 5.06 -6.51
CA LYS C 53 -17.04 5.59 -5.16
C LYS C 53 -18.45 5.94 -4.70
N SER C 54 -19.26 6.47 -5.62
CA SER C 54 -20.64 6.80 -5.31
C SER C 54 -21.48 5.53 -5.17
N LEU C 55 -21.30 4.60 -6.12
CA LEU C 55 -21.98 3.32 -6.08
C LEU C 55 -21.67 2.60 -4.77
N THR C 56 -20.43 2.72 -4.31
CA THR C 56 -20.00 2.10 -3.06
C THR C 56 -20.61 2.80 -1.85
N GLU C 57 -20.73 4.12 -1.92
CA GLU C 57 -21.33 4.88 -0.82
C GLU C 57 -22.78 4.47 -0.63
N ILE C 58 -23.47 4.25 -1.74
CA ILE C 58 -24.87 3.86 -1.73
C ILE C 58 -25.08 2.45 -1.18
N LYS C 59 -24.28 1.51 -1.63
CA LYS C 59 -24.37 0.14 -1.12
C LYS C 59 -24.02 0.08 0.36
N ASP C 60 -23.26 1.06 0.84
CA ASP C 60 -22.81 1.08 2.22
C ASP C 60 -23.78 1.78 3.16
N VAL C 61 -24.52 2.77 2.64
CA VAL C 61 -25.52 3.47 3.44
C VAL C 61 -26.81 2.64 3.54
N LEU C 62 -27.06 1.80 2.54
CA LEU C 62 -28.18 0.87 2.58
C LEU C 62 -27.90 -0.29 3.52
N ALA C 63 -26.67 -0.79 3.48
CA ALA C 63 -26.27 -1.92 4.33
C ALA C 63 -26.35 -1.57 5.82
N SER C 64 -26.00 -0.33 6.16
CA SER C 64 -26.08 0.12 7.55
C SER C 64 -27.52 0.26 7.99
N ARG C 65 -28.44 0.12 7.05
CA ARG C 65 -29.87 0.22 7.34
C ARG C 65 -30.61 -1.03 6.85
N GLY C 66 -29.97 -2.17 7.00
CA GLY C 66 -30.58 -3.46 6.71
C GLY C 66 -30.74 -3.78 5.23
N LEU C 67 -30.95 -2.75 4.42
CA LEU C 67 -31.29 -2.94 3.00
C LEU C 67 -30.08 -3.19 2.11
N SER C 68 -30.35 -3.40 0.83
CA SER C 68 -29.31 -3.55 -0.19
C SER C 68 -29.92 -3.26 -1.56
N LEU C 69 -29.17 -3.54 -2.61
CA LEU C 69 -29.67 -3.31 -3.97
C LEU C 69 -30.22 -4.61 -4.55
N GLY C 70 -30.91 -4.49 -5.68
CA GLY C 70 -31.46 -5.64 -6.38
C GLY C 70 -32.50 -6.39 -5.55
N MET C 71 -33.02 -5.74 -4.51
CA MET C 71 -34.08 -6.34 -3.71
C MET C 71 -35.32 -6.52 -4.56
N ARG C 72 -36.12 -7.53 -4.22
CA ARG C 72 -37.28 -7.88 -5.02
C ARG C 72 -38.56 -7.58 -4.26
N LEU C 73 -39.31 -6.57 -4.72
CA LEU C 73 -40.49 -6.10 -4.01
C LEU C 73 -41.81 -6.42 -4.72
N GLU C 74 -42.88 -6.42 -3.94
CA GLU C 74 -44.22 -6.68 -4.46
C GLU C 74 -45.13 -5.49 -4.14
N ASN C 75 -46.20 -5.35 -4.91
CA ASN C 75 -47.13 -4.24 -4.71
C ASN C 75 -46.42 -2.89 -4.74
N TRP C 76 -45.95 -2.49 -5.92
CA TRP C 76 -45.28 -1.21 -6.07
C TRP C 76 -45.78 -0.42 -7.28
N PRO C 77 -46.11 0.87 -7.06
CA PRO C 77 -46.06 1.54 -5.75
C PRO C 77 -47.11 1.02 -4.77
P CMP F . 25.61 -5.15 -7.17
O1P CMP F . 26.29 -6.51 -7.25
O2P CMP F . 26.61 -4.03 -7.33
O5' CMP F . 24.43 -5.04 -8.26
C5' CMP F . 23.22 -5.77 -8.09
C4' CMP F . 22.67 -5.35 -6.74
O4' CMP F . 21.46 -5.98 -6.34
C3' CMP F . 23.62 -5.74 -5.64
O3' CMP F . 24.83 -4.99 -5.77
C2' CMP F . 22.77 -5.48 -4.42
O2' CMP F . 22.70 -4.08 -4.14
C1' CMP F . 21.40 -5.96 -4.91
N9 CMP F . 21.23 -7.35 -4.41
C8 CMP F . 21.85 -8.45 -4.88
N7 CMP F . 21.48 -9.56 -4.18
C5 CMP F . 20.60 -9.16 -3.24
C6 CMP F . 19.84 -9.81 -2.16
N6 CMP F . 19.92 -11.15 -1.95
N1 CMP F . 19.05 -9.03 -1.39
C2 CMP F . 18.96 -7.70 -1.58
N3 CMP F . 19.63 -7.04 -2.54
C4 CMP F . 20.45 -7.70 -3.38
C1 PEG G . 28.67 14.76 9.52
O1 PEG G . 28.11 13.84 10.41
C2 PEG G . 29.74 14.08 8.65
O2 PEG G . 30.89 14.87 8.47
C3 PEG G . 32.04 14.10 8.75
C4 PEG G . 33.00 14.79 9.74
O4 PEG G . 33.54 13.85 10.62
C1 PEG H . -16.20 -12.55 8.73
O1 PEG H . -15.51 -13.43 9.56
C2 PEG H . -15.41 -12.27 7.44
O2 PEG H . -14.27 -11.44 7.65
C3 PEG H . -13.18 -12.24 8.06
C4 PEG H . -12.38 -11.63 9.23
O4 PEG H . -11.99 -12.64 10.10
C1' CMP I . -9.66 -27.93 -21.60
N9 CMP I . -8.42 -27.21 -21.22
C8 CMP I . -8.09 -26.82 -19.97
N7 CMP I . -6.88 -26.18 -19.96
C5 CMP I . -6.43 -26.16 -21.23
C6 CMP I . -5.23 -25.65 -21.94
N6 CMP I . -4.25 -25.02 -21.24
N1 CMP I . -5.12 -25.83 -23.28
C2 CMP I . -6.10 -26.46 -23.97
N3 CMP I . -7.22 -26.95 -23.40
C4 CMP I . -7.44 -26.84 -22.06
#